data_7SP1
#
_entry.id   7SP1
#
_cell.length_a   1.00
_cell.length_b   1.00
_cell.length_c   1.00
_cell.angle_alpha   90.00
_cell.angle_beta   90.00
_cell.angle_gamma   90.00
#
_symmetry.space_group_name_H-M   'P 1'
#
loop_
_entity.id
_entity.type
_entity.pdbx_description
1 polymer 'Isoform Tau-F of Microtubule-associated protein tau'
2 polymer "RNA (5'-R(*AP*AP*AP*AP*AP*AP*AP*AP*AP*A)-3')"
#
loop_
_entity_poly.entity_id
_entity_poly.type
_entity_poly.pdbx_seq_one_letter_code
_entity_poly.pdbx_strand_id
1 'polypeptide(L)'
;MAEPRQEFEVMEDHAGTYGLGDRKDQGGYTMHQDQEGDTDAGLKESPLQTPTEDGSEEPGSETSDAKSTPTAEDVTAPLV
DEGAPGKQAAAQPHTEIPEGTTAEEAGIGDTPSLEDEAAGHVTQARMVSKSKDGTGSDDKKAKGADGKTKIATPRGAAPP
GQKGQANATRIPAKTPPAPKTPPSSGEPPKSGDRSGYSSPGSPGTPGSRSRTPSLPTPPTREPKKVAVVRTPPKSPSSAK
SRLQTAPVPMPDLKNVKSKIGSTENLKHQPGGGKVQIINKKLDLSNVQSKCGSKDNIKHVPGGGSVQIVYKPVDLSKVTS
KCGSLGNIHHKPGGGQVEVKSEKLDFKDRVQSKIGSLDNITHVPGGGNKKIETHKLTFRENAKAKTDHGAEIVYKSPVVS
GDTSPRHLSNVSSTGSIDMVDSPQLATLADEVSASLAKQGL
;
A,B,C,D,E,F,G,H,I,J,K,L,M,N,O
2 'polyribonucleotide' AAAAAAAAAA P,Q
#
# COMPACT_ATOMS: atom_id res chain seq x y z
N GLU A 391 19.17 -33.51 -13.25
CA GLU A 391 18.70 -32.14 -13.08
C GLU A 391 17.21 -32.03 -13.38
N ILE A 392 16.41 -31.92 -12.32
CA ILE A 392 14.96 -31.77 -12.41
C ILE A 392 14.58 -30.56 -11.58
N VAL A 393 14.01 -29.53 -12.21
CA VAL A 393 13.47 -28.38 -11.49
C VAL A 393 11.99 -28.25 -11.85
N TYR A 394 11.15 -28.09 -10.83
CA TYR A 394 9.71 -28.14 -11.05
C TYR A 394 9.15 -26.78 -11.46
N LYS A 395 9.63 -25.70 -10.85
CA LYS A 395 9.17 -24.35 -11.20
C LYS A 395 10.36 -23.41 -11.06
N SER A 396 10.86 -22.88 -12.17
CA SER A 396 12.03 -22.02 -12.18
C SER A 396 11.76 -20.73 -12.97
N PRO A 397 11.18 -19.72 -12.33
CA PRO A 397 11.16 -18.40 -12.98
C PRO A 397 12.45 -17.63 -12.74
N VAL A 398 13.50 -18.07 -13.43
CA VAL A 398 14.82 -17.46 -13.28
C VAL A 398 14.85 -16.13 -14.03
N VAL A 399 15.23 -15.06 -13.32
CA VAL A 399 15.34 -13.74 -13.91
C VAL A 399 16.68 -13.15 -13.51
N SER A 400 17.46 -12.70 -14.50
CA SER A 400 18.77 -12.10 -14.25
C SER A 400 18.82 -10.74 -14.92
N GLY A 401 19.27 -9.73 -14.18
CA GLY A 401 19.36 -8.39 -14.71
C GLY A 401 18.88 -7.32 -13.75
N ASP A 402 18.02 -6.42 -14.23
CA ASP A 402 17.50 -5.34 -13.42
C ASP A 402 15.99 -5.27 -13.59
N THR A 403 15.28 -5.15 -12.47
CA THR A 403 13.84 -4.94 -12.44
C THR A 403 13.59 -3.74 -11.53
N SER A 404 12.83 -2.75 -12.02
CA SER A 404 12.57 -1.52 -11.24
C SER A 404 11.09 -1.16 -11.17
N PRO A 405 10.29 -1.51 -10.11
CA PRO A 405 8.92 -1.01 -9.96
C PRO A 405 8.95 0.30 -9.13
N ARG A 406 9.25 1.45 -9.75
CA ARG A 406 9.45 2.72 -8.99
C ARG A 406 8.23 3.30 -8.26
N HIS A 407 7.04 3.34 -8.88
CA HIS A 407 5.90 4.05 -8.22
C HIS A 407 4.69 3.14 -7.98
N LEU A 408 4.39 2.83 -6.71
CA LEU A 408 3.29 1.91 -6.40
C LEU A 408 2.40 2.55 -5.35
N SER A 409 1.16 2.87 -5.74
CA SER A 409 0.23 3.54 -4.86
C SER A 409 -1.11 2.82 -4.85
N ASN A 410 -1.60 2.50 -3.66
CA ASN A 410 -2.94 1.96 -3.45
C ASN A 410 -3.76 3.02 -2.73
N VAL A 411 -4.77 3.56 -3.40
CA VAL A 411 -5.54 4.70 -2.91
C VAL A 411 -7.02 4.36 -2.98
N SER A 412 -7.69 4.42 -1.83
CA SER A 412 -9.15 4.35 -1.77
C SER A 412 -9.67 5.68 -1.24
N SER A 413 -10.54 6.32 -2.02
CA SER A 413 -11.01 7.65 -1.69
C SER A 413 -12.47 7.81 -2.08
N THR A 414 -13.37 7.53 -1.13
CA THR A 414 -14.79 7.36 -1.42
C THR A 414 -15.48 8.66 -1.83
N GLY A 415 -15.41 9.68 -0.97
CA GLY A 415 -15.88 11.01 -1.35
C GLY A 415 -14.71 11.95 -1.42
N SER A 416 -14.33 12.38 -2.63
CA SER A 416 -13.00 12.96 -2.76
C SER A 416 -12.88 13.72 -4.07
N ILE A 417 -12.04 14.74 -4.02
CA ILE A 417 -11.30 15.23 -5.19
C ILE A 417 -9.88 14.75 -4.98
N ASP A 418 -9.34 14.01 -5.95
CA ASP A 418 -8.03 13.41 -5.73
C ASP A 418 -7.23 13.34 -7.02
N MET A 419 -5.93 13.55 -6.88
CA MET A 419 -4.98 13.40 -7.96
C MET A 419 -3.94 12.38 -7.54
N VAL A 420 -3.72 11.37 -8.36
CA VAL A 420 -2.85 10.25 -8.02
C VAL A 420 -1.67 10.25 -8.99
N ASP A 421 -0.46 10.43 -8.45
CA ASP A 421 0.80 10.51 -9.20
C ASP A 421 0.73 11.58 -10.29
N SER A 422 0.23 12.75 -9.91
CA SER A 422 -0.05 13.81 -10.87
C SER A 422 0.98 14.91 -10.77
N PRO A 423 1.76 15.16 -11.80
CA PRO A 423 2.63 16.36 -11.82
C PRO A 423 1.90 17.59 -12.36
N GLN A 424 0.98 18.12 -11.56
CA GLN A 424 0.31 19.37 -11.92
C GLN A 424 1.27 20.53 -11.74
N LEU A 425 1.46 21.31 -12.80
CA LEU A 425 2.38 22.44 -12.80
C LEU A 425 1.61 23.72 -13.09
N ALA A 426 1.72 24.70 -12.19
CA ALA A 426 1.09 26.01 -12.28
C ALA A 426 -0.43 25.94 -12.46
N GLU D 391 -26.62 30.54 -4.54
CA GLU D 391 -26.01 29.24 -4.30
C GLU D 391 -25.08 28.85 -5.44
N ILE D 392 -23.78 28.97 -5.20
CA ILE D 392 -22.75 28.60 -6.16
C ILE D 392 -21.78 27.65 -5.45
N VAL D 393 -21.67 26.42 -5.95
CA VAL D 393 -20.67 25.49 -5.44
C VAL D 393 -19.79 25.06 -6.62
N TYR D 394 -18.47 25.10 -6.41
CA TYR D 394 -17.54 24.90 -7.52
C TYR D 394 -17.25 23.42 -7.74
N LYS D 395 -17.09 22.64 -6.67
CA LYS D 395 -16.85 21.19 -6.80
C LYS D 395 -17.53 20.51 -5.63
N SER D 396 -18.58 19.74 -5.92
CA SER D 396 -19.38 19.07 -4.89
C SER D 396 -19.56 17.60 -5.22
N PRO D 397 -18.60 16.76 -4.84
CA PRO D 397 -18.87 15.31 -4.90
C PRO D 397 -19.60 14.82 -3.65
N VAL D 398 -20.88 15.16 -3.57
CA VAL D 398 -21.70 14.80 -2.41
C VAL D 398 -22.07 13.33 -2.50
N VAL D 399 -21.79 12.58 -1.45
CA VAL D 399 -22.11 11.16 -1.37
C VAL D 399 -22.78 10.90 -0.03
N SER D 400 -23.97 10.29 -0.08
CA SER D 400 -24.73 9.96 1.13
C SER D 400 -25.06 8.48 1.12
N GLY D 401 -24.80 7.81 2.25
CA GLY D 401 -25.07 6.40 2.35
C GLY D 401 -23.98 5.61 3.03
N ASP D 402 -23.55 4.51 2.42
CA ASP D 402 -22.52 3.65 2.97
C ASP D 402 -21.49 3.34 1.89
N THR D 403 -20.21 3.48 2.25
CA THR D 403 -19.10 3.10 1.40
C THR D 403 -18.19 2.20 2.23
N SER D 404 -17.84 1.02 1.69
CA SER D 404 -17.00 0.06 2.46
C SER D 404 -15.81 -0.45 1.64
N PRO D 405 -14.57 0.09 1.76
CA PRO D 405 -13.38 -0.52 1.11
C PRO D 405 -12.73 -1.50 2.11
N ARG D 406 -13.24 -2.73 2.24
CA ARG D 406 -12.76 -3.69 3.29
C ARG D 406 -11.30 -4.17 3.17
N HIS D 407 -10.81 -4.54 1.99
CA HIS D 407 -9.45 -5.17 1.92
C HIS D 407 -8.49 -4.39 1.02
N LEU D 408 -7.46 -3.77 1.60
CA LEU D 408 -6.54 -2.94 0.82
C LEU D 408 -5.11 -3.35 1.15
N SER D 409 -4.41 -3.92 0.18
CA SER D 409 -3.06 -4.42 0.39
C SER D 409 -2.13 -3.90 -0.70
N ASN D 410 -1.02 -3.31 -0.29
CA ASN D 410 0.06 -2.92 -1.18
C ASN D 410 1.26 -3.80 -0.89
N VAL D 411 1.63 -4.65 -1.85
CA VAL D 411 2.65 -5.67 -1.66
C VAL D 411 3.67 -5.58 -2.77
N SER D 412 4.93 -5.37 -2.40
CA SER D 412 6.06 -5.47 -3.32
C SER D 412 6.93 -6.64 -2.90
N SER D 413 7.14 -7.60 -3.80
CA SER D 413 7.85 -8.82 -3.46
C SER D 413 8.70 -9.27 -4.64
N THR D 414 9.96 -8.84 -4.65
CA THR D 414 10.82 -8.94 -5.83
C THR D 414 11.20 -10.39 -6.16
N GLY D 415 11.82 -11.09 -5.21
CA GLY D 415 12.06 -12.51 -5.36
C GLY D 415 11.24 -13.29 -4.36
N SER D 416 10.21 -14.00 -4.82
CA SER D 416 9.20 -14.41 -3.88
C SER D 416 8.32 -15.51 -4.45
N ILE D 417 7.83 -16.35 -3.56
CA ILE D 417 6.57 -17.06 -3.74
C ILE D 417 5.58 -16.37 -2.81
N ASP D 418 4.47 -15.88 -3.36
CA ASP D 418 3.58 -15.08 -2.54
C ASP D 418 2.13 -15.30 -2.94
N MET D 419 1.27 -15.28 -1.92
CA MET D 419 -0.18 -15.35 -2.10
C MET D 419 -0.78 -14.11 -1.44
N VAL D 420 -1.59 -13.37 -2.19
CA VAL D 420 -2.13 -12.11 -1.73
C VAL D 420 -3.64 -12.25 -1.64
N ASP D 421 -4.17 -12.09 -0.42
CA ASP D 421 -5.60 -12.22 -0.09
C ASP D 421 -6.15 -13.57 -0.56
N SER D 422 -5.41 -14.64 -0.25
CA SER D 422 -5.71 -15.96 -0.77
C SER D 422 -6.29 -16.84 0.31
N PRO D 423 -7.53 -17.29 0.19
CA PRO D 423 -8.07 -18.31 1.10
C PRO D 423 -7.76 -19.73 0.65
N GLN D 424 -6.48 -20.11 0.75
CA GLN D 424 -6.09 -21.47 0.46
C GLN D 424 -6.57 -22.40 1.57
N LEU D 425 -7.33 -23.43 1.19
CA LEU D 425 -7.89 -24.37 2.15
C LEU D 425 -7.36 -25.77 1.84
N ALA D 426 -6.77 -26.41 2.84
CA ALA D 426 -6.20 -27.76 2.77
C ALA D 426 -5.20 -27.95 1.64
N GLU E 391 -29.15 29.10 -8.51
CA GLU E 391 -28.51 27.81 -8.28
C GLU E 391 -27.57 27.45 -9.44
N ILE E 392 -26.28 27.60 -9.19
CA ILE E 392 -25.23 27.27 -10.17
C ILE E 392 -24.24 26.34 -9.47
N VAL E 393 -24.10 25.13 -9.98
CA VAL E 393 -23.07 24.20 -9.49
C VAL E 393 -22.19 23.81 -10.67
N TYR E 394 -20.87 23.89 -10.47
CA TYR E 394 -19.94 23.72 -11.58
C TYR E 394 -19.61 22.24 -11.83
N LYS E 395 -19.43 21.46 -10.77
CA LYS E 395 -19.15 20.04 -10.91
C LYS E 395 -19.80 19.31 -9.74
N SER E 396 -20.84 18.52 -10.04
CA SER E 396 -21.62 17.83 -9.01
C SER E 396 -21.75 16.35 -9.35
N PRO E 397 -20.77 15.53 -8.99
CA PRO E 397 -21.00 14.06 -9.06
C PRO E 397 -21.71 13.56 -7.81
N VAL E 398 -23.00 13.86 -7.72
CA VAL E 398 -23.80 13.47 -6.57
C VAL E 398 -24.14 11.98 -6.67
N VAL E 399 -23.83 11.23 -5.62
CA VAL E 399 -24.12 9.81 -5.56
C VAL E 399 -24.78 9.51 -4.21
N SER E 400 -25.94 8.87 -4.26
CA SER E 400 -26.68 8.52 -3.06
C SER E 400 -26.98 7.02 -3.08
N GLY E 401 -26.69 6.35 -1.96
CA GLY E 401 -26.94 4.93 -1.87
C GLY E 401 -25.81 4.16 -1.20
N ASP E 402 -25.37 3.08 -1.83
CA ASP E 402 -24.31 2.25 -1.29
C ASP E 402 -23.28 1.97 -2.38
N THR E 403 -22.00 2.14 -2.02
CA THR E 403 -20.88 1.80 -2.88
C THR E 403 -19.95 0.92 -2.07
N SER E 404 -19.57 -0.25 -2.61
CA SER E 404 -18.70 -1.19 -1.86
C SER E 404 -17.50 -1.67 -2.69
N PRO E 405 -16.26 -1.09 -2.58
CA PRO E 405 -15.07 -1.67 -3.23
C PRO E 405 -14.39 -2.64 -2.25
N ARG E 406 -14.86 -3.88 -2.13
CA ARG E 406 -14.35 -4.84 -1.09
C ARG E 406 -12.89 -5.28 -1.22
N HIS E 407 -12.38 -5.63 -2.41
CA HIS E 407 -11.01 -6.22 -2.50
C HIS E 407 -10.08 -5.41 -3.39
N LEU E 408 -9.06 -4.76 -2.81
CA LEU E 408 -8.17 -3.90 -3.59
C LEU E 408 -6.73 -4.28 -3.26
N SER E 409 -6.02 -4.81 -4.25
CA SER E 409 -4.65 -5.29 -4.05
C SER E 409 -3.74 -4.73 -5.13
N ASN E 410 -2.64 -4.11 -4.71
CA ASN E 410 -1.58 -3.68 -5.62
C ASN E 410 -0.35 -4.54 -5.34
N VAL E 411 0.04 -5.36 -6.31
CA VAL E 411 1.08 -6.36 -6.13
C VAL E 411 2.10 -6.23 -7.25
N SER E 412 3.36 -5.99 -6.89
CA SER E 412 4.47 -6.06 -7.81
C SER E 412 5.38 -7.20 -7.40
N SER E 413 5.61 -8.14 -8.31
CA SER E 413 6.36 -9.36 -7.99
C SER E 413 7.21 -9.78 -9.18
N THR E 414 8.46 -9.31 -9.20
CA THR E 414 9.31 -9.38 -10.38
C THR E 414 9.73 -10.81 -10.73
N GLY E 415 10.37 -11.51 -9.78
CA GLY E 415 10.65 -12.92 -9.95
C GLY E 415 9.85 -13.71 -8.95
N SER E 416 8.84 -14.45 -9.42
CA SER E 416 7.84 -14.90 -8.47
C SER E 416 6.99 -16.01 -9.05
N ILE E 417 6.53 -16.89 -8.16
CA ILE E 417 5.29 -17.62 -8.35
C ILE E 417 4.29 -16.97 -7.41
N ASP E 418 3.15 -16.51 -7.95
CA ASP E 418 2.25 -15.74 -7.11
C ASP E 418 0.80 -15.99 -7.51
N MET E 419 -0.05 -16.00 -6.49
CA MET E 419 -1.49 -16.11 -6.66
C MET E 419 -2.12 -14.90 -5.98
N VAL E 420 -2.96 -14.17 -6.73
CA VAL E 420 -3.54 -12.92 -6.25
C VAL E 420 -5.04 -13.10 -6.15
N ASP E 421 -5.57 -12.98 -4.93
CA ASP E 421 -6.99 -13.14 -4.59
C ASP E 421 -7.51 -14.51 -5.07
N SER E 422 -6.74 -15.56 -4.79
CA SER E 422 -7.00 -16.88 -5.32
C SER E 422 -7.57 -17.78 -4.24
N PRO E 423 -8.79 -18.26 -4.36
CA PRO E 423 -9.29 -19.30 -3.46
C PRO E 423 -8.94 -20.71 -3.93
N GLN E 424 -7.66 -21.06 -3.83
CA GLN E 424 -7.24 -22.42 -4.14
C GLN E 424 -7.69 -23.36 -3.03
N LEU E 425 -8.41 -24.41 -3.42
CA LEU E 425 -8.95 -25.38 -2.47
C LEU E 425 -8.39 -26.76 -2.80
N ALA E 426 -7.77 -27.39 -1.80
CA ALA E 426 -7.17 -28.73 -1.88
C ALA E 426 -6.16 -28.88 -3.03
N GLU F 391 20.01 -33.34 -8.51
CA GLU F 391 19.58 -31.96 -8.35
C GLU F 391 18.09 -31.81 -8.65
N ILE F 392 17.30 -31.68 -7.59
CA ILE F 392 15.86 -31.48 -7.70
C ILE F 392 15.50 -30.25 -6.87
N VAL F 393 14.96 -29.22 -7.52
CA VAL F 393 14.45 -28.04 -6.82
C VAL F 393 12.97 -27.88 -7.18
N TYR F 394 12.13 -27.69 -6.16
CA TYR F 394 10.69 -27.69 -6.38
C TYR F 394 10.17 -26.33 -6.81
N LYS F 395 10.67 -25.25 -6.21
CA LYS F 395 10.25 -23.90 -6.57
C LYS F 395 11.46 -22.99 -6.44
N SER F 396 11.98 -22.49 -7.56
CA SER F 396 13.18 -21.65 -7.57
C SER F 396 12.94 -20.38 -8.37
N PRO F 397 12.38 -19.34 -7.75
CA PRO F 397 12.39 -18.02 -8.41
C PRO F 397 13.70 -17.29 -8.18
N VAL F 398 14.75 -17.76 -8.86
CA VAL F 398 16.08 -17.17 -8.71
C VAL F 398 16.14 -15.86 -9.48
N VAL F 399 16.56 -14.80 -8.78
CA VAL F 399 16.69 -13.48 -9.38
C VAL F 399 18.06 -12.92 -8.98
N SER F 400 18.85 -12.51 -9.98
CA SER F 400 20.16 -11.94 -9.74
C SER F 400 20.26 -10.58 -10.43
N GLY F 401 20.72 -9.59 -9.68
CA GLY F 401 20.85 -8.25 -10.23
C GLY F 401 20.40 -7.16 -9.29
N ASP F 402 19.56 -6.25 -9.78
CA ASP F 402 19.08 -5.13 -8.98
C ASP F 402 17.57 -5.03 -9.15
N THR F 403 16.86 -4.89 -8.03
CA THR F 403 15.42 -4.64 -8.00
C THR F 403 15.21 -3.42 -7.12
N SER F 404 14.46 -2.42 -7.62
CA SER F 404 14.25 -1.16 -6.85
C SER F 404 12.76 -0.77 -6.79
N PRO F 405 11.97 -1.09 -5.72
CA PRO F 405 10.60 -0.54 -5.59
C PRO F 405 10.66 0.76 -4.77
N ARG F 406 11.00 1.90 -5.40
CA ARG F 406 11.24 3.17 -4.65
C ARG F 406 10.03 3.80 -3.93
N HIS F 407 8.83 3.86 -4.54
CA HIS F 407 7.71 4.60 -3.90
C HIS F 407 6.49 3.73 -3.65
N LEU F 408 6.16 3.44 -2.38
CA LEU F 408 5.05 2.55 -2.06
C LEU F 408 4.17 3.23 -1.03
N SER F 409 2.94 3.56 -1.41
CA SER F 409 2.02 4.27 -0.54
C SER F 409 0.67 3.58 -0.53
N ASN F 410 0.17 3.29 0.67
CA ASN F 410 -1.18 2.79 0.88
C ASN F 410 -1.98 3.88 1.59
N VAL F 411 -2.98 4.43 0.90
CA VAL F 411 -3.71 5.59 1.39
C VAL F 411 -5.21 5.31 1.31
N SER F 412 -5.88 5.38 2.46
CA SER F 412 -7.33 5.36 2.52
C SER F 412 -7.82 6.70 3.03
N SER F 413 -8.67 7.36 2.24
CA SER F 413 -9.11 8.71 2.56
C SER F 413 -10.56 8.90 2.17
N THR F 414 -11.47 8.66 3.12
CA THR F 414 -12.90 8.51 2.83
C THR F 414 -13.55 9.83 2.41
N GLY F 415 -13.45 10.86 3.24
CA GLY F 415 -13.89 12.19 2.87
C GLY F 415 -12.69 13.11 2.78
N SER F 416 -12.31 13.51 1.57
CA SER F 416 -10.97 14.05 1.43
C SER F 416 -10.81 14.80 0.12
N ILE F 417 -9.95 15.81 0.15
CA ILE F 417 -9.20 16.25 -1.01
C ILE F 417 -7.78 15.74 -0.81
N ASP F 418 -7.27 14.97 -1.76
CA ASP F 418 -5.98 14.35 -1.53
C ASP F 418 -5.19 14.24 -2.82
N MET F 419 -3.87 14.41 -2.68
CA MET F 419 -2.92 14.23 -3.76
C MET F 419 -1.91 13.19 -3.32
N VAL F 420 -1.72 12.16 -4.14
CA VAL F 420 -0.88 11.03 -3.78
C VAL F 420 0.30 10.99 -4.76
N ASP F 421 1.52 11.15 -4.20
CA ASP F 421 2.78 11.18 -4.96
C ASP F 421 2.74 12.23 -6.06
N SER F 422 2.27 13.43 -5.69
CA SER F 422 2.01 14.48 -6.66
C SER F 422 3.07 15.56 -6.57
N PRO F 423 3.86 15.78 -7.60
CA PRO F 423 4.77 16.95 -7.63
C PRO F 423 4.08 18.20 -8.19
N GLN F 424 3.16 18.76 -7.39
CA GLN F 424 2.53 20.01 -7.77
C GLN F 424 3.52 21.16 -7.61
N LEU F 425 3.72 21.92 -8.68
CA LEU F 425 4.68 23.02 -8.67
C LEU F 425 3.93 24.31 -8.99
N ALA F 426 4.09 25.30 -8.09
CA ALA F 426 3.47 26.64 -8.19
C ALA F 426 1.95 26.61 -8.38
N GLU G 391 18.23 -33.61 -18.19
CA GLU G 391 17.72 -32.26 -18.00
C GLU G 391 16.23 -32.19 -18.28
N ILE G 392 15.44 -32.12 -17.21
CA ILE G 392 13.99 -31.99 -17.30
C ILE G 392 13.58 -30.81 -16.44
N VAL G 393 12.97 -29.79 -17.06
CA VAL G 393 12.41 -28.66 -16.33
C VAL G 393 10.92 -28.57 -16.68
N TYR G 394 10.08 -28.43 -15.65
CA TYR G 394 8.64 -28.52 -15.86
C TYR G 394 8.04 -27.18 -16.25
N LYS G 395 8.49 -26.08 -15.64
CA LYS G 395 8.00 -24.74 -15.97
C LYS G 395 9.16 -23.77 -15.82
N SER G 396 9.64 -23.22 -16.94
CA SER G 396 10.79 -22.33 -16.95
C SER G 396 10.49 -21.05 -17.72
N PRO G 397 9.88 -20.07 -17.07
CA PRO G 397 9.81 -18.73 -17.70
C PRO G 397 11.09 -17.93 -17.47
N VAL G 398 12.15 -18.34 -18.17
CA VAL G 398 13.45 -17.69 -18.02
C VAL G 398 13.43 -16.35 -18.76
N VAL G 399 13.79 -15.29 -18.04
CA VAL G 399 13.86 -13.95 -18.62
C VAL G 399 15.19 -13.32 -18.22
N SER G 400 15.95 -12.86 -19.20
CA SER G 400 17.24 -12.22 -18.97
C SER G 400 17.26 -10.85 -19.63
N GLY G 401 17.68 -9.84 -18.87
CA GLY G 401 17.73 -8.49 -19.40
C GLY G 401 17.23 -7.44 -18.42
N ASP G 402 16.34 -6.57 -18.89
CA ASP G 402 15.80 -5.50 -18.06
C ASP G 402 14.29 -5.47 -18.22
N THR G 403 13.59 -5.39 -17.09
CA THR G 403 12.14 -5.21 -17.05
C THR G 403 11.86 -4.03 -16.13
N SER G 404 11.07 -3.06 -16.61
CA SER G 404 10.79 -1.84 -15.80
C SER G 404 9.30 -1.52 -15.72
N PRO G 405 8.53 -1.90 -14.65
CA PRO G 405 7.12 -1.44 -14.50
C PRO G 405 7.13 -0.14 -13.66
N ARG G 406 7.40 1.02 -14.27
CA ARG G 406 7.57 2.29 -13.50
C ARG G 406 6.35 2.83 -12.75
N HIS G 407 5.15 2.85 -13.35
CA HIS G 407 3.99 3.52 -12.68
C HIS G 407 2.81 2.57 -12.44
N LEU G 408 2.52 2.24 -11.18
CA LEU G 408 1.47 1.29 -10.87
C LEU G 408 0.55 1.90 -9.81
N SER G 409 -0.70 2.18 -10.18
CA SER G 409 -1.64 2.82 -9.28
C SER G 409 -2.96 2.06 -9.26
N ASN G 410 -3.42 1.72 -8.08
CA ASN G 410 -4.75 1.14 -7.87
C ASN G 410 -5.59 2.17 -7.13
N VAL G 411 -6.63 2.68 -7.79
CA VAL G 411 -7.42 3.80 -7.28
C VAL G 411 -8.90 3.44 -7.34
N SER G 412 -9.56 3.45 -6.18
CA SER G 412 -11.01 3.35 -6.11
C SER G 412 -11.56 4.66 -5.58
N SER G 413 -12.45 5.28 -6.33
CA SER G 413 -12.96 6.60 -5.98
C SER G 413 -14.43 6.72 -6.36
N THR G 414 -15.31 6.41 -5.40
CA THR G 414 -16.73 6.20 -5.69
C THR G 414 -17.46 7.49 -6.08
N GLY G 415 -17.40 8.51 -5.22
CA GLY G 415 -17.91 9.81 -5.57
C GLY G 415 -16.77 10.80 -5.65
N SER G 416 -16.41 11.24 -6.85
CA SER G 416 -15.10 11.86 -6.99
C SER G 416 -15.01 12.64 -8.29
N ILE G 417 -14.19 13.69 -8.24
CA ILE G 417 -13.48 14.20 -9.40
C ILE G 417 -12.04 13.76 -9.22
N ASP G 418 -11.49 13.04 -10.20
CA ASP G 418 -10.16 12.48 -9.99
C ASP G 418 -9.38 12.43 -11.29
N MET G 419 -8.08 12.68 -11.16
CA MET G 419 -7.13 12.57 -12.25
C MET G 419 -6.06 11.57 -11.83
N VAL G 420 -5.83 10.57 -12.68
CA VAL G 420 -4.91 9.48 -12.36
C VAL G 420 -3.75 9.52 -13.34
N ASP G 421 -2.55 9.73 -12.80
CA ASP G 421 -1.29 9.84 -13.56
C ASP G 421 -1.40 10.92 -14.64
N SER G 422 -1.92 12.08 -14.24
CA SER G 422 -2.25 13.14 -15.19
C SER G 422 -1.24 14.27 -15.08
N PRO G 423 -0.47 14.55 -16.12
CA PRO G 423 0.36 15.77 -16.13
C PRO G 423 -0.40 16.99 -16.64
N GLN G 424 -1.33 17.48 -15.84
CA GLN G 424 -2.03 18.71 -16.19
C GLN G 424 -1.10 19.90 -16.00
N LEU G 425 -0.95 20.70 -17.05
CA LEU G 425 -0.05 21.85 -17.05
C LEU G 425 -0.87 23.11 -17.31
N ALA G 426 -0.76 24.08 -16.41
CA ALA G 426 -1.44 25.38 -16.48
C ALA G 426 -2.96 25.27 -16.64
N GLU H 391 -24.08 31.96 -0.57
CA GLU H 391 -23.50 30.65 -0.31
C GLU H 391 -22.58 30.23 -1.45
N ILE H 392 -21.27 30.31 -1.20
CA ILE H 392 -20.25 29.91 -2.15
C ILE H 392 -19.31 28.94 -1.44
N VAL H 393 -19.23 27.70 -1.92
CA VAL H 393 -18.25 26.75 -1.40
C VAL H 393 -17.38 26.28 -2.56
N TYR H 394 -16.06 26.30 -2.35
CA TYR H 394 -15.14 26.05 -3.45
C TYR H 394 -14.88 24.56 -3.66
N LYS H 395 -14.75 23.79 -2.58
CA LYS H 395 -14.53 22.34 -2.69
C LYS H 395 -15.24 21.69 -1.52
N SER H 396 -16.32 20.94 -1.81
CA SER H 396 -17.13 20.31 -0.78
C SER H 396 -17.35 18.83 -1.09
N PRO H 397 -16.42 17.96 -0.70
CA PRO H 397 -16.72 16.53 -0.73
C PRO H 397 -17.47 16.07 0.51
N VAL H 398 -18.75 16.45 0.58
CA VAL H 398 -19.58 16.12 1.73
C VAL H 398 -19.99 14.66 1.66
N VAL H 399 -19.72 13.92 2.73
CA VAL H 399 -20.08 12.51 2.82
C VAL H 399 -20.77 12.27 4.16
N SER H 400 -21.97 11.69 4.12
CA SER H 400 -22.74 11.40 5.32
C SER H 400 -23.12 9.93 5.33
N GLY H 401 -22.88 9.27 6.45
CA GLY H 401 -23.19 7.86 6.58
C GLY H 401 -22.11 7.06 7.27
N ASP H 402 -21.72 5.94 6.67
CA ASP H 402 -20.71 5.05 7.24
C ASP H 402 -19.69 4.71 6.17
N THR H 403 -18.41 4.81 6.54
CA THR H 403 -17.30 4.40 5.69
C THR H 403 -16.42 3.48 6.52
N SER H 404 -16.10 2.29 6.00
CA SER H 404 -15.29 1.32 6.79
C SER H 404 -14.11 0.76 5.99
N PRO H 405 -12.85 1.27 6.10
CA PRO H 405 -11.68 0.62 5.47
C PRO H 405 -11.06 -0.36 6.48
N ARG H 406 -11.60 -1.58 6.62
CA ARG H 406 -11.15 -2.53 7.68
C ARG H 406 -9.70 -3.06 7.57
N HIS H 407 -9.21 -3.46 6.40
CA HIS H 407 -7.87 -4.12 6.33
C HIS H 407 -6.89 -3.37 5.43
N LEU H 408 -5.85 -2.76 6.01
CA LEU H 408 -4.90 -1.97 5.23
C LEU H 408 -3.49 -2.42 5.58
N SER H 409 -2.80 -3.02 4.60
CA SER H 409 -1.45 -3.55 4.83
C SER H 409 -0.51 -3.07 3.73
N ASN H 410 0.61 -2.50 4.15
CA ASN H 410 1.71 -2.15 3.25
C ASN H 410 2.88 -3.06 3.56
N VAL H 411 3.23 -3.92 2.61
CA VAL H 411 4.22 -4.98 2.82
C VAL H 411 5.26 -4.92 1.71
N SER H 412 6.52 -4.73 2.09
CA SER H 412 7.64 -4.88 1.17
C SER H 412 8.49 -6.07 1.61
N SER H 413 8.67 -7.03 0.72
CA SER H 413 9.35 -8.27 1.07
C SER H 413 10.19 -8.76 -0.09
N THR H 414 11.46 -8.37 -0.11
CA THR H 414 12.32 -8.50 -1.28
C THR H 414 12.67 -9.96 -1.60
N GLY H 415 13.26 -10.67 -0.63
CA GLY H 415 13.47 -12.09 -0.77
C GLY H 415 12.62 -12.84 0.23
N SER H 416 11.58 -13.52 -0.23
CA SER H 416 10.54 -13.91 0.73
C SER H 416 9.65 -14.99 0.16
N ILE H 417 9.13 -15.81 1.06
CA ILE H 417 7.85 -16.48 0.88
C ILE H 417 6.87 -15.75 1.80
N ASP H 418 5.77 -15.25 1.23
CA ASP H 418 4.90 -14.41 2.04
C ASP H 418 3.45 -14.60 1.63
N MET H 419 2.58 -14.55 2.65
CA MET H 419 1.15 -14.57 2.47
C MET H 419 0.58 -13.33 3.11
N VAL H 420 -0.21 -12.57 2.35
CA VAL H 420 -0.73 -11.29 2.80
C VAL H 420 -2.25 -11.39 2.89
N ASP H 421 -2.77 -11.20 4.10
CA ASP H 421 -4.21 -11.29 4.41
C ASP H 421 -4.79 -12.63 3.97
N SER H 422 -4.08 -13.71 4.28
CA SER H 422 -4.41 -15.03 3.76
C SER H 422 -5.03 -15.88 4.86
N PRO H 423 -6.28 -16.30 4.73
CA PRO H 423 -6.84 -17.29 5.66
C PRO H 423 -6.56 -18.72 5.22
N GLN H 424 -5.30 -19.14 5.34
CA GLN H 424 -4.95 -20.52 5.06
C GLN H 424 -5.46 -21.42 6.17
N LEU H 425 -6.23 -22.44 5.81
CA LEU H 425 -6.82 -23.35 6.77
C LEU H 425 -6.33 -24.76 6.47
N ALA H 426 -5.76 -25.41 7.49
CA ALA H 426 -5.22 -26.78 7.44
C ALA H 426 -4.22 -27.00 6.31
N GLU I 391 -31.66 27.61 -12.48
CA GLU I 391 -30.98 26.34 -12.26
C GLU I 391 -30.04 26.04 -13.43
N ILE I 392 -28.75 26.21 -13.19
CA ILE I 392 -27.70 25.91 -14.17
C ILE I 392 -26.69 25.01 -13.49
N VAL I 393 -26.51 23.79 -14.02
CA VAL I 393 -25.45 22.91 -13.54
C VAL I 393 -24.57 22.55 -14.73
N TYR I 394 -23.26 22.65 -14.53
CA TYR I 394 -22.33 22.52 -15.65
C TYR I 394 -21.96 21.06 -15.91
N LYS I 395 -21.75 20.27 -14.86
CA LYS I 395 -21.42 18.85 -15.02
C LYS I 395 -22.06 18.10 -13.86
N SER I 396 -23.08 17.29 -14.15
CA SER I 396 -23.83 16.56 -13.13
C SER I 396 -23.93 15.08 -13.49
N PRO I 397 -22.93 14.28 -13.14
CA PRO I 397 -23.11 12.81 -13.21
C PRO I 397 -23.81 12.27 -11.97
N VAL I 398 -25.11 12.55 -11.88
CA VAL I 398 -25.89 12.12 -10.72
C VAL I 398 -26.19 10.62 -10.84
N VAL I 399 -25.85 9.88 -9.80
CA VAL I 399 -26.10 8.45 -9.74
C VAL I 399 -26.75 8.12 -8.40
N SER I 400 -27.89 7.45 -8.45
CA SER I 400 -28.63 7.05 -7.24
C SER I 400 -28.88 5.56 -7.28
N GLY I 401 -28.57 4.88 -6.18
CA GLY I 401 -28.77 3.45 -6.10
C GLY I 401 -27.62 2.71 -5.44
N ASP I 402 -27.15 1.65 -6.09
CA ASP I 402 -26.07 0.84 -5.55
C ASP I 402 -25.04 0.60 -6.65
N THR I 403 -23.77 0.80 -6.30
CA THR I 403 -22.64 0.49 -7.18
C THR I 403 -21.68 -0.37 -6.37
N SER I 404 -21.27 -1.52 -6.93
CA SER I 404 -20.38 -2.45 -6.19
C SER I 404 -19.17 -2.88 -7.02
N PRO I 405 -17.95 -2.28 -6.91
CA PRO I 405 -16.74 -2.81 -7.58
C PRO I 405 -16.03 -3.77 -6.61
N ARG I 406 -16.47 -5.03 -6.51
CA ARG I 406 -15.93 -5.98 -5.48
C ARG I 406 -14.45 -6.38 -5.61
N HIS I 407 -13.95 -6.72 -6.81
CA HIS I 407 -12.57 -7.27 -6.91
C HIS I 407 -11.66 -6.41 -7.80
N LEU I 408 -10.65 -5.74 -7.22
CA LEU I 408 -9.78 -4.86 -7.99
C LEU I 408 -8.33 -5.20 -7.67
N SER I 409 -7.62 -5.72 -8.67
CA SER I 409 -6.24 -6.14 -8.49
C SER I 409 -5.35 -5.56 -9.57
N ASN I 410 -4.26 -4.92 -9.16
CA ASN I 410 -3.22 -4.44 -10.06
C ASN I 410 -1.97 -5.28 -9.79
N VAL I 411 -1.56 -6.07 -10.79
CA VAL I 411 -0.49 -7.05 -10.61
C VAL I 411 0.52 -6.88 -11.73
N SER I 412 1.77 -6.61 -11.37
CA SER I 412 2.89 -6.64 -12.30
C SER I 412 3.83 -7.77 -11.91
N SER I 413 4.06 -8.70 -12.83
CA SER I 413 4.85 -9.88 -12.52
C SER I 413 5.71 -10.26 -13.72
N THR I 414 6.94 -9.78 -13.74
CA THR I 414 7.79 -9.81 -14.93
C THR I 414 8.25 -11.22 -15.29
N GLY I 415 8.91 -11.91 -14.35
CA GLY I 415 9.23 -13.30 -14.54
C GLY I 415 8.46 -14.14 -13.55
N SER I 416 7.47 -14.90 -14.02
CA SER I 416 6.48 -15.38 -13.07
C SER I 416 5.66 -16.52 -13.65
N ILE I 417 5.22 -17.40 -12.78
CA ILE I 417 4.00 -18.17 -12.96
C ILE I 417 2.98 -17.56 -12.01
N ASP I 418 1.84 -17.12 -12.54
CA ASP I 418 0.92 -16.38 -11.70
C ASP I 418 -0.52 -16.67 -12.08
N MET I 419 -1.37 -16.71 -11.06
CA MET I 419 -2.81 -16.85 -11.23
C MET I 419 -3.47 -15.67 -10.53
N VAL I 420 -4.33 -14.96 -11.26
CA VAL I 420 -4.94 -13.73 -10.77
C VAL I 420 -6.43 -13.95 -10.66
N ASP I 421 -6.96 -13.85 -9.43
CA ASP I 421 -8.37 -14.06 -9.10
C ASP I 421 -8.86 -15.43 -9.59
N SER I 422 -8.06 -16.46 -9.31
CA SER I 422 -8.29 -17.78 -9.86
C SER I 422 -8.82 -18.71 -8.79
N PRO I 423 -10.03 -19.22 -8.92
CA PRO I 423 -10.51 -20.29 -8.01
C PRO I 423 -10.11 -21.68 -8.50
N GLN I 424 -8.83 -22.00 -8.40
CA GLN I 424 -8.38 -23.34 -8.74
C GLN I 424 -8.79 -24.31 -7.64
N LEU I 425 -9.49 -25.37 -8.03
CA LEU I 425 -9.99 -26.36 -7.09
C LEU I 425 -9.40 -27.72 -7.43
N ALA I 426 -8.76 -28.35 -6.45
CA ALA I 426 -8.12 -29.67 -6.55
C ALA I 426 -7.12 -29.78 -7.70
N GLU J 391 20.88 -33.16 -3.67
CA GLU J 391 20.48 -31.76 -3.53
C GLU J 391 18.99 -31.58 -3.83
N ILE J 392 18.20 -31.41 -2.78
CA ILE J 392 16.77 -31.17 -2.90
C ILE J 392 16.44 -29.93 -2.08
N VAL J 393 15.94 -28.89 -2.75
CA VAL J 393 15.44 -27.71 -2.05
C VAL J 393 13.98 -27.50 -2.43
N TYR J 394 13.14 -27.27 -1.41
CA TYR J 394 11.71 -27.25 -1.64
C TYR J 394 11.21 -25.87 -2.09
N LYS J 395 11.75 -24.81 -1.50
CA LYS J 395 11.36 -23.44 -1.88
C LYS J 395 12.59 -22.57 -1.74
N SER J 396 13.12 -22.09 -2.87
CA SER J 396 14.35 -21.29 -2.88
C SER J 396 14.15 -20.02 -3.70
N PRO J 397 13.62 -18.96 -3.09
CA PRO J 397 13.66 -17.65 -3.76
C PRO J 397 15.00 -16.95 -3.53
N VAL J 398 16.03 -17.45 -4.21
CA VAL J 398 17.38 -16.90 -4.05
C VAL J 398 17.48 -15.60 -4.83
N VAL J 399 17.91 -14.54 -4.15
CA VAL J 399 18.10 -13.23 -4.76
C VAL J 399 19.46 -12.70 -4.35
N SER J 400 20.27 -12.32 -5.35
CA SER J 400 21.60 -11.79 -5.12
C SER J 400 21.73 -10.45 -5.80
N GLY J 401 22.22 -9.44 -5.08
CA GLY J 401 22.39 -8.12 -5.64
C GLY J 401 21.96 -7.01 -4.71
N ASP J 402 21.15 -6.08 -5.21
CA ASP J 402 20.68 -4.95 -4.42
C ASP J 402 19.18 -4.81 -4.60
N THR J 403 18.48 -4.63 -3.49
CA THR J 403 17.04 -4.33 -3.48
C THR J 403 16.85 -3.11 -2.60
N SER J 404 16.15 -2.10 -3.12
CA SER J 404 15.95 -0.83 -2.36
C SER J 404 14.49 -0.40 -2.31
N PRO J 405 13.67 -0.68 -1.24
CA PRO J 405 12.33 -0.10 -1.11
C PRO J 405 12.41 1.21 -0.32
N ARG J 406 12.79 2.33 -0.96
CA ARG J 406 13.04 3.61 -0.22
C ARG J 406 11.86 4.27 0.49
N HIS J 407 10.67 4.36 -0.13
CA HIS J 407 9.56 5.14 0.49
C HIS J 407 8.31 4.30 0.75
N LEU J 408 7.97 4.03 2.02
CA LEU J 408 6.84 3.17 2.34
C LEU J 408 5.97 3.89 3.37
N SER J 409 4.75 4.25 2.97
CA SER J 409 3.85 5.00 3.83
C SER J 409 2.47 4.34 3.85
N ASN J 410 1.96 4.08 5.04
CA ASN J 410 0.59 3.61 5.24
C ASN J 410 -0.17 4.73 5.95
N VAL J 411 -1.15 5.30 5.25
CA VAL J 411 -1.86 6.49 5.72
C VAL J 411 -3.36 6.24 5.64
N SER J 412 -4.03 6.35 6.79
CA SER J 412 -5.49 6.36 6.84
C SER J 412 -5.95 7.72 7.33
N SER J 413 -6.78 8.39 6.53
CA SER J 413 -7.18 9.76 6.84
C SER J 413 -8.63 9.98 6.43
N THR J 414 -9.54 9.77 7.38
CA THR J 414 -10.97 9.66 7.09
C THR J 414 -11.58 10.99 6.65
N GLY J 415 -11.47 12.02 7.47
CA GLY J 415 -11.86 13.36 7.08
C GLY J 415 -10.65 14.25 6.99
N SER J 416 -10.24 14.62 5.78
CA SER J 416 -8.89 15.13 5.64
C SER J 416 -8.71 15.86 4.32
N ILE J 417 -7.81 16.84 4.35
CA ILE J 417 -7.05 17.26 3.18
C ILE J 417 -5.65 16.72 3.40
N ASP J 418 -5.15 15.93 2.45
CA ASP J 418 -3.87 15.26 2.70
C ASP J 418 -3.08 15.12 1.41
N MET J 419 -1.76 15.26 1.56
CA MET J 419 -0.81 15.05 0.48
C MET J 419 0.17 13.98 0.94
N VAL J 420 0.33 12.94 0.13
CA VAL J 420 1.14 11.79 0.51
C VAL J 420 2.32 11.71 -0.46
N ASP J 421 3.54 11.83 0.09
CA ASP J 421 4.80 11.83 -0.65
C ASP J 421 4.80 12.88 -1.77
N SER J 422 4.37 14.09 -1.42
CA SER J 422 4.13 15.13 -2.39
C SER J 422 5.23 16.19 -2.31
N PRO J 423 6.03 16.38 -3.34
CA PRO J 423 6.96 17.53 -3.38
C PRO J 423 6.30 18.78 -3.95
N GLN J 424 5.40 19.37 -3.16
CA GLN J 424 4.81 20.64 -3.56
C GLN J 424 5.83 21.76 -3.40
N LEU J 425 6.05 22.51 -4.47
CA LEU J 425 7.04 23.59 -4.48
C LEU J 425 6.32 24.89 -4.81
N ALA J 426 6.49 25.89 -3.92
CA ALA J 426 5.92 27.24 -4.04
C ALA J 426 4.41 27.24 -4.23
N GLU K 391 17.31 -33.72 -23.02
CA GLU K 391 16.76 -32.38 -22.81
C GLU K 391 15.27 -32.34 -23.09
N ILE K 392 14.48 -32.30 -22.02
CA ILE K 392 13.03 -32.22 -22.10
C ILE K 392 12.59 -31.05 -21.23
N VAL K 393 11.96 -30.05 -21.84
CA VAL K 393 11.36 -28.94 -21.09
C VAL K 393 9.87 -28.88 -21.43
N TYR K 394 9.04 -28.79 -20.40
CA TYR K 394 7.60 -28.90 -20.60
C TYR K 394 6.96 -27.57 -20.98
N LYS K 395 7.39 -26.48 -20.35
CA LYS K 395 6.86 -25.15 -20.67
C LYS K 395 8.00 -24.15 -20.51
N SER K 396 8.45 -23.57 -21.63
CA SER K 396 9.59 -22.65 -21.63
C SER K 396 9.23 -21.38 -22.39
N PRO K 397 8.61 -20.41 -21.72
CA PRO K 397 8.51 -19.07 -22.35
C PRO K 397 9.76 -18.24 -22.10
N VAL K 398 10.84 -18.60 -22.81
CA VAL K 398 12.11 -17.93 -22.66
C VAL K 398 12.06 -16.58 -23.38
N VAL K 399 12.39 -15.52 -22.67
CA VAL K 399 12.42 -14.17 -23.23
C VAL K 399 13.74 -13.52 -22.83
N SER K 400 14.48 -13.01 -23.81
CA SER K 400 15.76 -12.35 -23.58
C SER K 400 15.73 -10.97 -24.22
N GLY K 401 16.13 -9.96 -23.46
CA GLY K 401 16.14 -8.60 -23.96
C GLY K 401 15.62 -7.58 -22.97
N ASP K 402 14.71 -6.73 -23.43
CA ASP K 402 14.15 -5.69 -22.59
C ASP K 402 12.63 -5.69 -22.74
N THR K 403 11.94 -5.64 -21.61
CA THR K 403 10.48 -5.50 -21.56
C THR K 403 10.18 -4.34 -20.63
N SER K 404 9.36 -3.38 -21.09
CA SER K 404 9.05 -2.17 -20.27
C SER K 404 7.55 -1.90 -20.18
N PRO K 405 6.79 -2.31 -19.12
CA PRO K 405 5.39 -1.88 -18.94
C PRO K 405 5.37 -0.59 -18.09
N ARG K 406 5.60 0.58 -18.69
CA ARG K 406 5.74 1.84 -17.90
C ARG K 406 4.49 2.34 -17.15
N HIS K 407 3.29 2.33 -17.75
CA HIS K 407 2.12 2.97 -17.07
C HIS K 407 0.97 1.98 -16.83
N LEU K 408 0.70 1.63 -15.57
CA LEU K 408 -0.34 0.66 -15.26
C LEU K 408 -1.26 1.23 -14.19
N SER K 409 -2.51 1.48 -14.56
CA SER K 409 -3.48 2.09 -13.65
C SER K 409 -4.76 1.29 -13.64
N ASN K 410 -5.22 0.92 -12.45
CA ASN K 410 -6.53 0.31 -12.24
C ASN K 410 -7.39 1.31 -11.49
N VAL K 411 -8.44 1.81 -12.14
CA VAL K 411 -9.26 2.90 -11.61
C VAL K 411 -10.72 2.49 -11.67
N SER K 412 -11.38 2.48 -10.51
CA SER K 412 -12.83 2.34 -10.43
C SER K 412 -13.42 3.62 -9.88
N SER K 413 -14.33 4.24 -10.63
CA SER K 413 -14.87 5.54 -10.26
C SER K 413 -16.34 5.61 -10.63
N THR K 414 -17.20 5.28 -9.68
CA THR K 414 -18.62 5.04 -9.95
C THR K 414 -19.39 6.30 -10.33
N GLY K 415 -19.35 7.31 -9.46
CA GLY K 415 -19.90 8.61 -9.79
C GLY K 415 -18.78 9.62 -9.87
N SER K 416 -18.45 10.08 -11.07
CA SER K 416 -17.16 10.74 -11.20
C SER K 416 -17.08 11.54 -12.50
N ILE K 417 -16.30 12.61 -12.44
CA ILE K 417 -15.61 13.14 -13.60
C ILE K 417 -14.15 12.75 -13.43
N ASP K 418 -13.58 12.05 -14.41
CA ASP K 418 -12.25 11.53 -14.22
C ASP K 418 -11.46 11.51 -15.52
N MET K 419 -10.17 11.79 -15.40
CA MET K 419 -9.23 11.72 -16.49
C MET K 419 -8.13 10.75 -16.09
N VAL K 420 -7.87 9.76 -16.95
CA VAL K 420 -6.93 8.68 -16.64
C VAL K 420 -5.78 8.77 -17.62
N ASP K 421 -4.56 9.00 -17.08
CA ASP K 421 -3.33 9.16 -17.85
C ASP K 421 -3.46 10.25 -18.91
N SER K 422 -4.01 11.39 -18.51
CA SER K 422 -4.38 12.45 -19.45
C SER K 422 -3.40 13.61 -19.33
N PRO K 423 -2.64 13.92 -20.37
CA PRO K 423 -1.84 15.15 -20.37
C PRO K 423 -2.63 16.36 -20.87
N GLN K 424 -3.57 16.82 -20.06
CA GLN K 424 -4.31 18.03 -20.38
C GLN K 424 -3.41 19.24 -20.20
N LEU K 425 -3.28 20.05 -21.24
CA LEU K 425 -2.43 21.23 -21.22
C LEU K 425 -3.27 22.46 -21.48
N ALA K 426 -3.19 23.43 -20.56
CA ALA K 426 -3.90 24.72 -20.61
C ALA K 426 -5.42 24.57 -20.77
N GLU L 391 -21.51 33.35 3.39
CA GLU L 391 -20.97 32.03 3.67
C GLU L 391 -20.05 31.57 2.54
N ILE L 392 -18.75 31.63 2.80
CA ILE L 392 -17.73 31.18 1.85
C ILE L 392 -16.82 30.20 2.58
N VAL L 393 -16.77 28.96 2.11
CA VAL L 393 -15.82 27.98 2.65
C VAL L 393 -14.96 27.49 1.49
N TYR L 394 -13.64 27.46 1.71
CA TYR L 394 -12.72 27.18 0.62
C TYR L 394 -12.49 25.68 0.42
N LYS L 395 -12.39 24.92 1.51
CA LYS L 395 -12.22 23.47 1.42
C LYS L 395 -12.95 22.84 2.59
N SER L 396 -14.04 22.12 2.31
CA SER L 396 -14.88 21.52 3.34
C SER L 396 -15.13 20.05 3.05
N PRO L 397 -14.22 19.16 3.46
CA PRO L 397 -14.56 17.73 3.42
C PRO L 397 -15.33 17.31 4.67
N VAL L 398 -16.60 17.72 4.73
CA VAL L 398 -17.44 17.42 5.88
C VAL L 398 -17.89 15.97 5.82
N VAL L 399 -17.64 15.23 6.90
CA VAL L 399 -18.05 13.84 7.00
C VAL L 399 -18.75 13.64 8.35
N SER L 400 -19.96 13.09 8.30
CA SER L 400 -20.75 12.83 9.50
C SER L 400 -21.16 11.37 9.52
N GLY L 401 -20.94 10.71 10.66
CA GLY L 401 -21.29 9.31 10.79
C GLY L 401 -20.24 8.49 11.50
N ASP L 402 -19.87 7.35 10.91
CA ASP L 402 -18.88 6.45 11.50
C ASP L 402 -17.88 6.07 10.44
N THR L 403 -16.59 6.15 10.80
CA THR L 403 -15.49 5.69 9.96
C THR L 403 -14.64 4.77 10.82
N SER L 404 -14.35 3.56 10.32
CA SER L 404 -13.56 2.56 11.11
C SER L 404 -12.40 1.98 10.31
N PRO L 405 -11.13 2.45 10.43
CA PRO L 405 -9.97 1.76 9.81
C PRO L 405 -9.38 0.78 10.83
N ARG L 406 -9.95 -0.42 10.98
CA ARG L 406 -9.53 -1.38 12.05
C ARG L 406 -8.10 -1.94 11.96
N HIS L 407 -7.62 -2.37 10.80
CA HIS L 407 -6.29 -3.06 10.74
C HIS L 407 -5.29 -2.35 9.83
N LEU L 408 -4.23 -1.76 10.41
CA LEU L 408 -3.26 -1.01 9.63
C LEU L 408 -1.86 -1.49 9.99
N SER L 409 -1.18 -2.11 9.03
CA SER L 409 0.15 -2.68 9.26
C SER L 409 1.10 -2.23 8.17
N ASN L 410 2.25 -1.69 8.58
CA ASN L 410 3.34 -1.37 7.69
C ASN L 410 4.49 -2.32 8.01
N VAL L 411 4.83 -3.19 7.07
CA VAL L 411 5.79 -4.28 7.29
C VAL L 411 6.83 -4.26 6.19
N SER L 412 8.09 -4.11 6.56
CA SER L 412 9.22 -4.29 5.66
C SER L 412 10.03 -5.49 6.12
N SER L 413 10.19 -6.48 5.24
CA SER L 413 10.84 -7.72 5.60
C SER L 413 11.67 -8.25 4.45
N THR L 414 12.96 -7.89 4.43
CA THR L 414 13.82 -8.06 3.27
C THR L 414 14.12 -9.53 2.97
N GLY L 415 14.68 -10.24 3.95
CA GLY L 415 14.87 -11.67 3.82
C GLY L 415 13.99 -12.38 4.83
N SER L 416 12.94 -13.04 4.37
CA SER L 416 11.89 -13.39 5.33
C SER L 416 10.96 -14.45 4.76
N ILE L 417 10.42 -15.25 5.67
CA ILE L 417 9.13 -15.89 5.49
C ILE L 417 8.17 -15.13 6.39
N ASP L 418 7.08 -14.61 5.83
CA ASP L 418 6.23 -13.73 6.62
C ASP L 418 4.77 -13.88 6.21
N MET L 419 3.91 -13.80 7.21
CA MET L 419 2.47 -13.79 7.03
C MET L 419 1.93 -12.52 7.65
N VAL L 420 1.16 -11.75 6.88
CA VAL L 420 0.67 -10.45 7.32
C VAL L 420 -0.83 -10.51 7.39
N ASP L 421 -1.37 -10.30 8.60
CA ASP L 421 -2.80 -10.35 8.91
C ASP L 421 -3.42 -11.67 8.47
N SER L 422 -2.74 -12.77 8.80
CA SER L 422 -3.10 -14.09 8.31
C SER L 422 -3.75 -14.91 9.41
N PRO L 423 -5.01 -15.29 9.28
CA PRO L 423 -5.60 -16.27 10.22
C PRO L 423 -5.35 -17.72 9.78
N GLN L 424 -4.11 -18.16 9.92
CA GLN L 424 -3.79 -19.55 9.65
C GLN L 424 -4.33 -20.43 10.78
N LEU L 425 -5.13 -21.43 10.41
CA LEU L 425 -5.74 -22.31 11.38
C LEU L 425 -5.30 -23.74 11.10
N ALA L 426 -4.73 -24.39 12.13
CA ALA L 426 -4.25 -25.78 12.09
C ALA L 426 -3.24 -26.04 10.97
N GLU M 391 21.72 -32.95 1.18
CA GLU M 391 21.36 -31.54 1.30
C GLU M 391 19.89 -31.33 0.99
N ILE M 392 19.09 -31.13 2.04
CA ILE M 392 17.66 -30.85 1.91
C ILE M 392 17.37 -29.59 2.71
N VAL M 393 16.89 -28.55 2.03
CA VAL M 393 16.44 -27.34 2.71
C VAL M 393 14.97 -27.10 2.33
N TYR M 394 14.13 -26.84 3.34
CA TYR M 394 12.70 -26.78 3.10
C TYR M 394 12.24 -25.39 2.64
N LYS M 395 12.81 -24.34 3.22
CA LYS M 395 12.46 -22.97 2.82
C LYS M 395 13.71 -22.12 2.95
N SER M 396 14.27 -21.67 1.83
CA SER M 396 15.50 -20.90 1.81
C SER M 396 15.34 -19.64 0.98
N PRO M 397 14.84 -18.55 1.58
CA PRO M 397 14.92 -17.25 0.89
C PRO M 397 16.27 -16.59 1.12
N VAL M 398 17.30 -17.12 0.46
CA VAL M 398 18.65 -16.61 0.62
C VAL M 398 18.79 -15.31 -0.17
N VAL M 399 19.25 -14.26 0.49
CA VAL M 399 19.47 -12.97 -0.12
C VAL M 399 20.85 -12.47 0.28
N SER M 400 21.67 -12.12 -0.71
CA SER M 400 23.01 -11.62 -0.48
C SER M 400 23.18 -10.29 -1.19
N GLY M 401 23.70 -9.30 -0.47
CA GLY M 401 23.90 -7.98 -1.03
C GLY M 401 23.50 -6.85 -0.11
N ASP M 402 22.72 -5.90 -0.63
CA ASP M 402 22.28 -4.74 0.13
C ASP M 402 20.78 -4.57 -0.06
N THR M 403 20.07 -4.36 1.06
CA THR M 403 18.65 -4.03 1.05
C THR M 403 18.48 -2.80 1.92
N SER M 404 17.80 -1.77 1.39
CA SER M 404 17.65 -0.49 2.14
C SER M 404 16.19 -0.02 2.18
N PRO M 405 15.37 -0.26 3.24
CA PRO M 405 14.03 0.35 3.35
C PRO M 405 14.16 1.67 4.14
N ARG M 406 14.55 2.77 3.50
CA ARG M 406 14.84 4.05 4.22
C ARG M 406 13.66 4.74 4.91
N HIS M 407 12.49 4.86 4.28
CA HIS M 407 11.39 5.68 4.89
C HIS M 407 10.12 4.87 5.15
N LEU M 408 9.78 4.62 6.43
CA LEU M 408 8.62 3.81 6.76
C LEU M 408 7.76 4.54 7.77
N SER M 409 6.56 4.94 7.35
CA SER M 409 5.66 5.71 8.20
C SER M 409 4.27 5.09 8.22
N ASN M 410 3.76 4.85 9.41
CA ASN M 410 2.37 4.43 9.62
C ASN M 410 1.63 5.58 10.30
N VAL M 411 0.67 6.16 9.59
CA VAL M 411 -0.01 7.38 10.05
C VAL M 411 -1.51 7.16 9.97
N SER M 412 -2.19 7.30 11.11
CA SER M 412 -3.65 7.35 11.15
C SER M 412 -4.06 8.73 11.63
N SER M 413 -4.87 9.41 10.82
CA SER M 413 -5.24 10.80 11.11
C SER M 413 -6.69 11.05 10.70
N THR M 414 -7.60 10.87 11.64
CA THR M 414 -9.04 10.80 11.34
C THR M 414 -9.61 12.14 10.89
N GLY M 415 -9.47 13.18 11.70
CA GLY M 415 -9.84 14.52 11.29
C GLY M 415 -8.60 15.38 11.20
N SER M 416 -8.17 15.72 9.99
CA SER M 416 -6.80 16.19 9.85
C SER M 416 -6.60 16.91 8.53
N ILE M 417 -5.69 17.86 8.55
CA ILE M 417 -4.90 18.25 7.38
C ILE M 417 -3.52 17.67 7.61
N ASP M 418 -3.04 16.87 6.67
CA ASP M 418 -1.78 16.17 6.93
C ASP M 418 -0.98 15.99 5.65
N MET M 419 0.33 16.10 5.81
CA MET M 419 1.28 15.85 4.73
C MET M 419 2.24 14.77 5.21
N VAL M 420 2.38 13.71 4.41
CA VAL M 420 3.16 12.55 4.80
C VAL M 420 4.34 12.42 3.85
N ASP M 421 5.56 12.52 4.40
CA ASP M 421 6.82 12.47 3.66
C ASP M 421 6.86 13.51 2.54
N SER M 422 6.46 14.74 2.87
CA SER M 422 6.25 15.78 1.88
C SER M 422 7.37 16.80 1.97
N PRO M 423 8.18 16.96 0.93
CA PRO M 423 9.13 18.08 0.89
C PRO M 423 8.52 19.35 0.31
N GLN M 424 7.63 19.98 1.08
CA GLN M 424 7.08 21.25 0.67
C GLN M 424 8.12 22.35 0.82
N LEU M 425 8.38 23.08 -0.26
CA LEU M 425 9.38 24.13 -0.28
C LEU M 425 8.71 25.45 -0.61
N ALA M 426 8.90 26.44 0.25
CA ALA M 426 8.36 27.81 0.13
C ALA M 426 6.85 27.85 -0.07
N GLU N 391 -18.93 34.72 7.35
CA GLU N 391 -18.43 33.39 7.65
C GLU N 391 -17.52 32.90 6.52
N ILE N 392 -16.21 32.91 6.78
CA ILE N 392 -15.19 32.44 5.85
C ILE N 392 -14.32 31.44 6.60
N VAL N 393 -14.30 30.19 6.14
CA VAL N 393 -13.38 29.20 6.69
C VAL N 393 -12.52 28.66 5.54
N TYR N 394 -11.21 28.61 5.77
CA TYR N 394 -10.28 28.29 4.68
C TYR N 394 -10.10 26.79 4.51
N LYS N 395 -10.03 26.04 5.60
CA LYS N 395 -9.88 24.57 5.53
C LYS N 395 -10.64 23.97 6.70
N SER N 396 -11.75 23.29 6.42
CA SER N 396 -12.61 22.72 7.45
C SER N 396 -12.90 21.25 7.18
N PRO N 397 -12.02 20.35 7.59
CA PRO N 397 -12.39 18.93 7.58
C PRO N 397 -13.18 18.53 8.82
N VAL N 398 -14.43 18.98 8.87
CA VAL N 398 -15.29 18.72 10.02
C VAL N 398 -15.78 17.27 9.97
N VAL N 399 -15.56 16.55 11.06
CA VAL N 399 -16.00 15.16 11.18
C VAL N 399 -16.70 15.00 12.52
N SER N 400 -17.93 14.48 12.47
CA SER N 400 -18.74 14.25 13.67
C SER N 400 -19.18 12.80 13.70
N GLY N 401 -18.98 12.15 14.85
CA GLY N 401 -19.37 10.75 14.99
C GLY N 401 -18.35 9.92 15.73
N ASP N 402 -18.01 8.76 15.14
CA ASP N 402 -17.05 7.84 15.75
C ASP N 402 -16.05 7.43 14.69
N THR N 403 -14.76 7.47 15.06
CA THR N 403 -13.67 6.97 14.23
C THR N 403 -12.84 6.05 15.10
N SER N 404 -12.59 4.82 14.61
CA SER N 404 -11.84 3.82 15.42
C SER N 404 -10.67 3.18 14.64
N PRO N 405 -9.39 3.63 14.75
CA PRO N 405 -8.26 2.91 14.15
C PRO N 405 -7.69 1.92 15.18
N ARG N 406 -8.30 0.73 15.34
CA ARG N 406 -7.90 -0.22 16.43
C ARG N 406 -6.49 -0.82 16.36
N HIS N 407 -6.01 -1.27 15.19
CA HIS N 407 -4.71 -2.01 15.15
C HIS N 407 -3.67 -1.33 14.24
N LEU N 408 -2.61 -0.76 14.82
CA LEU N 408 -1.62 -0.04 14.03
C LEU N 408 -0.23 -0.56 14.40
N SER N 409 0.43 -1.21 13.45
CA SER N 409 1.74 -1.81 13.70
C SER N 409 2.71 -1.40 12.60
N ASN N 410 3.87 -0.88 13.02
CA ASN N 410 4.99 -0.60 12.12
C ASN N 410 6.11 -1.58 12.46
N VAL N 411 6.43 -2.47 11.53
CA VAL N 411 7.35 -3.57 11.77
C VAL N 411 8.41 -3.59 10.67
N SER N 412 9.68 -3.47 11.05
CA SER N 412 10.79 -3.69 10.15
C SER N 412 11.56 -4.91 10.62
N SER N 413 11.70 -5.90 9.76
CA SER N 413 12.31 -7.17 10.14
C SER N 413 13.14 -7.72 9.00
N THR N 414 14.43 -7.40 8.99
CA THR N 414 15.30 -7.60 7.82
C THR N 414 15.57 -9.09 7.54
N GLY N 415 16.11 -9.80 8.52
CA GLY N 415 16.24 -11.24 8.42
C GLY N 415 15.35 -11.91 9.43
N SER N 416 14.28 -12.55 8.97
CA SER N 416 13.22 -12.86 9.93
C SER N 416 12.26 -13.90 9.36
N ILE N 417 11.70 -14.67 10.28
CA ILE N 417 10.40 -15.29 10.10
C ILE N 417 9.45 -14.49 10.99
N ASP N 418 8.39 -13.94 10.41
CA ASP N 418 7.55 -13.05 11.20
C ASP N 418 6.09 -13.15 10.78
N MET N 419 5.22 -13.04 11.78
CA MET N 419 3.78 -12.99 11.58
C MET N 419 3.28 -11.70 12.20
N VAL N 420 2.53 -10.93 11.41
CA VAL N 420 2.08 -9.61 11.83
C VAL N 420 0.56 -9.62 11.90
N ASP N 421 0.03 -9.39 13.11
CA ASP N 421 -1.40 -9.40 13.42
C ASP N 421 -2.05 -10.71 12.98
N SER N 422 -1.41 -11.83 13.33
CA SER N 422 -1.80 -13.13 12.84
C SER N 422 -2.47 -13.93 13.94
N PRO N 423 -3.75 -14.28 13.81
CA PRO N 423 -4.36 -15.22 14.76
C PRO N 423 -4.15 -16.68 14.35
N GLN N 424 -2.92 -17.16 14.49
CA GLN N 424 -2.64 -18.57 14.24
C GLN N 424 -3.20 -19.41 15.37
N LEU N 425 -4.02 -20.39 15.01
CA LEU N 425 -4.67 -21.26 15.99
C LEU N 425 -4.25 -22.70 15.73
N ALA N 426 -3.72 -23.35 16.76
CA ALA N 426 -3.27 -24.75 16.74
C ALA N 426 -2.27 -25.05 15.63
N GLU O 391 22.55 -32.72 6.03
CA GLU O 391 22.23 -31.30 6.13
C GLU O 391 20.76 -31.05 5.81
N ILE O 392 19.97 -30.81 6.85
CA ILE O 392 18.54 -30.51 6.72
C ILE O 392 18.28 -29.22 7.50
N VAL O 393 17.83 -28.19 6.81
CA VAL O 393 17.40 -26.96 7.48
C VAL O 393 15.95 -26.68 7.09
N TYR O 394 15.11 -26.39 8.08
CA TYR O 394 13.69 -26.30 7.84
C TYR O 394 13.27 -24.90 7.36
N LYS O 395 13.86 -23.85 7.93
CA LYS O 395 13.55 -22.48 7.52
C LYS O 395 14.82 -21.66 7.65
N SER O 396 15.39 -21.24 6.53
CA SER O 396 16.65 -20.50 6.50
C SER O 396 16.52 -19.24 5.66
N PRO O 397 16.05 -18.15 6.25
CA PRO O 397 16.17 -16.86 5.54
C PRO O 397 17.54 -16.22 5.78
N VAL O 398 18.55 -16.79 5.13
CA VAL O 398 19.91 -16.31 5.28
C VAL O 398 20.10 -15.03 4.48
N VAL O 399 20.58 -13.98 5.14
CA VAL O 399 20.83 -12.69 4.50
C VAL O 399 22.23 -12.22 4.91
N SER O 400 23.05 -11.91 3.92
CA SER O 400 24.41 -11.44 4.16
C SER O 400 24.62 -10.13 3.44
N GLY O 401 25.16 -9.14 4.15
CA GLY O 401 25.40 -7.84 3.57
C GLY O 401 25.03 -6.69 4.47
N ASP O 402 24.27 -5.72 3.94
CA ASP O 402 23.86 -4.56 4.70
C ASP O 402 22.37 -4.34 4.50
N THR O 403 21.66 -4.10 5.60
CA THR O 403 20.25 -3.74 5.59
C THR O 403 20.11 -2.49 6.44
N SER O 404 19.46 -1.44 5.90
CA SER O 404 19.33 -0.15 6.64
C SER O 404 17.89 0.36 6.66
N PRO O 405 17.05 0.14 7.72
CA PRO O 405 15.73 0.79 7.82
C PRO O 405 15.89 2.12 8.60
N ARG O 406 16.32 3.20 7.94
CA ARG O 406 16.64 4.47 8.65
C ARG O 406 15.48 5.21 9.33
N HIS O 407 14.30 5.35 8.70
CA HIS O 407 13.23 6.21 9.30
C HIS O 407 11.94 5.43 9.56
N LEU O 408 11.59 5.21 10.83
CA LEU O 408 10.40 4.42 11.17
C LEU O 408 9.56 5.20 12.17
N SER O 409 8.36 5.62 11.74
CA SER O 409 7.49 6.43 12.58
C SER O 409 6.09 5.85 12.59
N ASN O 410 5.55 5.63 13.80
CA ASN O 410 4.16 5.25 13.99
C ASN O 410 3.45 6.41 14.66
N VAL O 411 2.51 7.03 13.95
CA VAL O 411 1.85 8.26 14.38
C VAL O 411 0.35 8.08 14.30
N SER O 412 -0.34 8.25 15.43
CA SER O 412 -1.78 8.34 15.47
C SER O 412 -2.17 9.73 15.93
N SER O 413 -2.95 10.43 15.10
CA SER O 413 -3.29 11.82 15.38
C SER O 413 -4.72 12.11 14.95
N THR O 414 -5.65 11.97 15.90
CA THR O 414 -7.09 11.93 15.59
C THR O 414 -7.63 13.29 15.12
N GLY O 415 -7.46 14.32 15.93
CA GLY O 415 -7.78 15.67 15.50
C GLY O 415 -6.52 16.49 15.40
N SER O 416 -6.08 16.82 14.19
CA SER O 416 -4.71 17.25 14.05
C SER O 416 -4.47 17.94 12.73
N ILE O 417 -3.53 18.88 12.75
CA ILE O 417 -2.74 19.23 11.57
C ILE O 417 -1.37 18.62 11.82
N ASP O 418 -0.90 17.78 10.89
CA ASP O 418 0.34 17.06 11.16
C ASP O 418 1.13 16.85 9.89
N MET O 419 2.45 16.93 10.05
CA MET O 419 3.40 16.64 8.99
C MET O 419 4.32 15.53 9.48
N VAL O 420 4.44 14.47 8.70
CA VAL O 420 5.19 13.29 9.10
C VAL O 420 6.37 13.12 8.15
N ASP O 421 7.58 13.19 8.71
CA ASP O 421 8.85 13.11 7.97
C ASP O 421 8.91 14.14 6.84
N SER O 422 8.54 15.37 7.16
CA SER O 422 8.37 16.41 6.15
C SER O 422 9.52 17.40 6.24
N PRO O 423 10.34 17.53 5.20
CA PRO O 423 11.33 18.62 5.15
C PRO O 423 10.74 19.90 4.56
N GLN O 424 9.86 20.56 5.31
CA GLN O 424 9.35 21.84 4.89
C GLN O 424 10.42 22.91 5.03
N LEU O 425 10.69 23.63 3.95
CA LEU O 425 11.73 24.65 3.92
C LEU O 425 11.10 25.98 3.57
N ALA O 426 11.31 26.98 4.43
CA ALA O 426 10.81 28.36 4.29
C ALA O 426 9.30 28.44 4.08
N GLU P 391 -16.33 36.07 11.31
CA GLU P 391 -15.87 34.72 11.62
C GLU P 391 -14.96 34.19 10.50
N ILE P 392 -13.66 34.18 10.77
CA ILE P 392 -12.66 33.66 9.85
C ILE P 392 -11.81 32.66 10.61
N VAL P 393 -11.81 31.40 10.17
CA VAL P 393 -10.93 30.38 10.74
C VAL P 393 -10.08 29.82 9.59
N TYR P 394 -8.76 29.74 9.83
CA TYR P 394 -7.85 29.38 8.75
C TYR P 394 -7.71 27.87 8.59
N LYS P 395 -7.65 27.13 9.69
CA LYS P 395 -7.55 25.67 9.63
C LYS P 395 -8.33 25.10 10.81
N SER P 396 -9.44 24.43 10.53
CA SER P 396 -10.33 23.90 11.57
C SER P 396 -10.66 22.44 11.30
N PRO P 397 -9.79 21.52 11.73
CA PRO P 397 -10.21 20.10 11.73
C PRO P 397 -11.02 19.75 12.97
N VAL P 398 -12.26 20.22 13.01
CA VAL P 398 -13.12 20.00 14.16
C VAL P 398 -13.65 18.57 14.12
N VAL P 399 -13.46 17.84 15.22
CA VAL P 399 -13.94 16.47 15.35
C VAL P 399 -14.66 16.33 16.69
N SER P 400 -15.90 15.85 16.64
CA SER P 400 -16.70 15.66 17.83
C SER P 400 -17.19 14.22 17.89
N GLY P 401 -17.02 13.58 19.04
CA GLY P 401 -17.44 12.20 19.19
C GLY P 401 -16.44 11.34 19.94
N ASP P 402 -16.13 10.18 19.38
CA ASP P 402 -15.20 9.24 19.99
C ASP P 402 -14.19 8.78 18.94
N THR P 403 -12.92 8.79 19.32
CA THR P 403 -11.83 8.26 18.50
C THR P 403 -11.04 7.32 19.38
N SER P 404 -10.81 6.08 18.91
CA SER P 404 -10.09 5.06 19.73
C SER P 404 -8.94 4.40 18.97
N PRO P 405 -7.64 4.81 19.08
CA PRO P 405 -6.53 4.06 18.49
C PRO P 405 -5.99 3.05 19.53
N ARG P 406 -6.63 1.90 19.69
CA ARG P 406 -6.27 0.95 20.79
C ARG P 406 -4.87 0.30 20.73
N HIS P 407 -4.40 -0.18 19.57
CA HIS P 407 -3.12 -0.95 19.55
C HIS P 407 -2.07 -0.30 18.65
N LEU P 408 -0.99 0.24 19.22
CA LEU P 408 0.03 0.93 18.42
C LEU P 408 1.40 0.38 18.81
N SER P 409 2.05 -0.30 17.87
CA SER P 409 3.34 -0.93 18.12
C SER P 409 4.33 -0.56 17.04
N ASN P 410 5.50 -0.06 17.45
CA ASN P 410 6.62 0.18 16.55
C ASN P 410 7.72 -0.82 16.92
N VAL P 411 8.01 -1.74 15.99
CA VAL P 411 8.92 -2.86 16.25
C VAL P 411 9.97 -2.92 15.15
N SER P 412 11.23 -2.82 15.54
CA SER P 412 12.35 -3.08 14.64
C SER P 412 13.10 -4.31 15.14
N SER P 413 13.21 -5.32 14.28
CA SER P 413 13.79 -6.60 14.68
C SER P 413 14.61 -7.19 13.54
N THR P 414 15.90 -6.90 13.54
CA THR P 414 16.76 -7.14 12.38
C THR P 414 17.00 -8.63 12.12
N GLY P 415 17.51 -9.35 13.11
CA GLY P 415 17.62 -10.79 13.01
C GLY P 415 16.70 -11.43 14.04
N SER P 416 15.61 -12.05 13.58
CA SER P 416 14.54 -12.32 14.53
C SER P 416 13.56 -13.34 13.97
N ILE P 417 12.97 -14.10 14.89
CA ILE P 417 11.64 -14.67 14.72
C ILE P 417 10.72 -13.84 15.59
N ASP P 418 9.68 -13.27 15.00
CA ASP P 418 8.87 -12.34 15.77
C ASP P 418 7.41 -12.42 15.35
N MET P 419 6.54 -12.27 16.34
CA MET P 419 5.10 -12.19 16.14
C MET P 419 4.62 -10.88 16.74
N VAL P 420 3.90 -10.09 15.94
CA VAL P 420 3.48 -8.75 16.34
C VAL P 420 1.97 -8.73 16.41
N ASP P 421 1.44 -8.47 17.61
CA ASP P 421 0.00 -8.44 17.91
C ASP P 421 -0.68 -9.74 17.49
N SER P 422 -0.07 -10.86 17.85
CA SER P 422 -0.49 -12.17 17.37
C SER P 422 -1.19 -12.93 18.49
N PRO P 423 -2.47 -13.25 18.34
CA PRO P 423 -3.12 -14.17 19.29
C PRO P 423 -2.95 -15.63 18.91
N GLN P 424 -1.73 -16.14 19.06
CA GLN P 424 -1.48 -17.55 18.82
C GLN P 424 -2.07 -18.38 19.96
N LEU P 425 -2.91 -19.35 19.61
CA LEU P 425 -3.59 -20.18 20.59
C LEU P 425 -3.22 -21.63 20.34
N ALA P 426 -2.71 -22.28 21.38
CA ALA P 426 -2.28 -23.69 21.39
C ALA P 426 -1.28 -24.03 20.28
N GLU Q 391 23.36 -32.45 10.89
CA GLU Q 391 23.08 -31.03 10.98
C GLU Q 391 21.62 -30.74 10.64
N ILE Q 392 20.81 -30.47 11.67
CA ILE Q 392 19.41 -30.13 11.52
C ILE Q 392 19.17 -28.84 12.30
N VAL Q 393 18.76 -27.79 11.59
CA VAL Q 393 18.36 -26.54 12.24
C VAL Q 393 16.90 -26.23 11.84
N TYR Q 394 16.08 -25.91 12.83
CA TYR Q 394 14.65 -25.78 12.58
C TYR Q 394 14.28 -24.38 12.09
N LYS Q 395 14.89 -23.34 12.65
CA LYS Q 395 14.61 -21.97 12.23
C LYS Q 395 15.91 -21.18 12.36
N SER Q 396 16.50 -20.78 11.23
CA SER Q 396 17.78 -20.09 11.21
C SER Q 396 17.70 -18.83 10.35
N PRO Q 397 17.24 -17.72 10.93
CA PRO Q 397 17.40 -16.43 10.22
C PRO Q 397 18.78 -15.83 10.45
N VAL Q 398 19.78 -16.43 9.81
CA VAL Q 398 21.17 -15.99 9.97
C VAL Q 398 21.38 -14.72 9.16
N VAL Q 399 21.89 -13.68 9.82
CA VAL Q 399 22.18 -12.40 9.17
C VAL Q 399 23.58 -11.97 9.58
N SER Q 400 24.43 -11.69 8.59
CA SER Q 400 25.80 -11.26 8.83
C SER Q 400 26.05 -9.95 8.11
N GLY Q 401 26.60 -8.97 8.81
CA GLY Q 401 26.88 -7.68 8.22
C GLY Q 401 26.53 -6.51 9.12
N ASP Q 402 25.81 -5.54 8.57
CA ASP Q 402 25.42 -4.35 9.31
C ASP Q 402 23.94 -4.09 9.10
N THR Q 403 23.22 -3.83 10.20
CA THR Q 403 21.83 -3.43 10.18
C THR Q 403 21.71 -2.16 11.02
N SER Q 404 21.10 -1.11 10.45
CA SER Q 404 21.00 0.18 11.17
C SER Q 404 19.56 0.74 11.19
N PRO Q 405 18.72 0.55 12.24
CA PRO Q 405 17.41 1.24 12.33
C PRO Q 405 17.60 2.56 13.09
N ARG Q 406 18.06 3.63 12.43
CA ARG Q 406 18.42 4.91 13.13
C ARG Q 406 17.27 5.68 13.79
N HIS Q 407 16.10 5.84 13.15
CA HIS Q 407 15.05 6.72 13.74
C HIS Q 407 13.73 5.99 13.99
N LEU Q 408 13.37 5.80 15.27
CA LEU Q 408 12.16 5.03 15.59
C LEU Q 408 11.32 5.84 16.59
N SER Q 409 10.15 6.29 16.16
CA SER Q 409 9.29 7.13 16.98
C SER Q 409 7.88 6.59 16.99
N ASN Q 410 7.33 6.40 18.18
CA ASN Q 410 5.93 6.06 18.37
C ASN Q 410 5.24 7.25 19.02
N VAL Q 411 4.31 7.87 18.30
CA VAL Q 411 3.70 9.13 18.72
C VAL Q 411 2.18 8.99 18.62
N SER Q 412 1.51 9.19 19.75
CA SER Q 412 0.05 9.32 19.78
C SER Q 412 -0.30 10.73 20.22
N SER Q 413 -1.06 11.43 19.40
CA SER Q 413 -1.36 12.84 19.65
C SER Q 413 -2.78 13.16 19.21
N THR Q 414 -3.73 13.05 20.15
CA THR Q 414 -5.15 13.05 19.84
C THR Q 414 -5.65 14.41 19.35
N GLY Q 415 -5.46 15.45 20.14
CA GLY Q 415 -5.75 16.81 19.71
C GLY Q 415 -4.47 17.59 19.61
N SER Q 416 -4.02 17.90 18.39
CA SER Q 416 -2.63 18.29 18.27
C SER Q 416 -2.36 18.97 16.93
N ILE Q 417 -1.40 19.87 16.95
CA ILE Q 417 -0.58 20.19 15.78
C ILE Q 417 0.76 19.54 16.04
N ASP Q 418 1.22 18.69 15.12
CA ASP Q 418 2.43 17.94 15.41
C ASP Q 418 3.23 17.70 14.15
N MET Q 419 4.54 17.74 14.31
CA MET Q 419 5.50 17.42 13.26
C MET Q 419 6.39 16.30 13.76
N VAL Q 420 6.48 15.21 12.99
CA VAL Q 420 7.20 14.02 13.41
C VAL Q 420 8.37 13.81 12.48
N ASP Q 421 9.59 13.86 13.04
CA ASP Q 421 10.86 13.73 12.32
C ASP Q 421 10.96 14.75 11.18
N SER Q 422 10.62 15.99 11.48
CA SER Q 422 10.48 17.03 10.47
C SER Q 422 11.65 18.00 10.54
N PRO Q 423 12.48 18.09 9.52
CA PRO Q 423 13.49 19.16 9.47
C PRO Q 423 12.96 20.45 8.85
N GLN Q 424 12.09 21.13 9.60
CA GLN Q 424 11.61 22.43 9.16
C GLN Q 424 12.71 23.47 9.31
N LEU Q 425 13.01 24.16 8.22
CA LEU Q 425 14.07 25.16 8.19
C LEU Q 425 13.48 26.50 7.82
N ALA Q 426 13.72 27.50 8.67
CA ALA Q 426 13.25 28.89 8.51
C ALA Q 426 11.74 29.01 8.29
#